data_8DSS
#
_entry.id   8DSS
#
_cell.length_a   80.706
_cell.length_b   80.706
_cell.length_c   71.279
_cell.angle_alpha   90.000
_cell.angle_beta   90.000
_cell.angle_gamma   120.000
#
_symmetry.space_group_name_H-M   'P 65'
#
loop_
_entity.id
_entity.type
_entity.pdbx_description
1 polymer 'ComE operon protein 1'
2 water water
#
_entity_poly.entity_id   1
_entity_poly.type   'polypeptide(L)'
_entity_poly.pdbx_seq_one_letter_code
;ASKTAVVDVKGAVANPGVYEVAADARVRDAIALAGGLTDEADETKVNLAAKVHDEMMIYVPKKGEDAPASNAVSKSPSDG
DRNGMQVAINTATEEELMQLPGIGPAKANAIIAYREEHGPFRRVEDLLNVTGIGEKTLEKLKPYLLVP
;
_entity_poly.pdbx_strand_id   A,B
#
# COMPACT_ATOMS: atom_id res chain seq x y z
N LYS A 3 -3.51 -32.87 10.33
CA LYS A 3 -4.52 -32.26 11.20
C LYS A 3 -3.94 -31.08 11.97
N THR A 4 -2.73 -31.26 12.48
CA THR A 4 -2.00 -30.23 13.21
C THR A 4 -0.89 -29.67 12.35
N ALA A 5 -0.63 -28.37 12.48
CA ALA A 5 0.42 -27.69 11.73
C ALA A 5 1.15 -26.76 12.68
N VAL A 6 2.46 -26.92 12.77
CA VAL A 6 3.31 -26.05 13.58
C VAL A 6 4.04 -25.10 12.63
N VAL A 7 4.00 -23.80 12.95
CA VAL A 7 4.53 -22.78 12.06
C VAL A 7 5.40 -21.81 12.86
N ASP A 8 6.30 -21.14 12.16
CA ASP A 8 7.21 -20.16 12.74
C ASP A 8 6.84 -18.79 12.16
N VAL A 9 6.21 -17.95 12.97
CA VAL A 9 5.77 -16.63 12.54
C VAL A 9 6.87 -15.63 12.88
N LYS A 10 7.54 -15.10 11.86
CA LYS A 10 8.61 -14.14 12.01
C LYS A 10 8.25 -12.84 11.30
N GLY A 11 9.03 -11.80 11.58
CA GLY A 11 8.87 -10.54 10.88
C GLY A 11 8.09 -9.49 11.62
N ALA A 12 7.36 -8.65 10.87
CA ALA A 12 6.66 -7.50 11.43
C ALA A 12 5.33 -7.95 12.04
N VAL A 13 5.45 -8.73 13.12
CA VAL A 13 4.31 -9.16 13.91
C VAL A 13 4.55 -8.76 15.36
N ALA A 14 3.46 -8.65 16.12
CA ALA A 14 3.57 -8.20 17.50
C ALA A 14 4.41 -9.18 18.33
N ASN A 15 4.24 -10.47 18.09
CA ASN A 15 4.89 -11.51 18.90
C ASN A 15 5.34 -12.64 17.99
N PRO A 16 6.47 -12.47 17.31
CA PRO A 16 7.02 -13.57 16.50
C PRO A 16 7.34 -14.79 17.36
N GLY A 17 7.34 -15.95 16.72
CA GLY A 17 7.66 -17.18 17.40
C GLY A 17 6.88 -18.34 16.80
N VAL A 18 6.97 -19.47 17.47
CA VAL A 18 6.34 -20.72 17.02
C VAL A 18 4.92 -20.78 17.56
N TYR A 19 3.99 -21.16 16.70
CA TYR A 19 2.59 -21.32 17.08
C TYR A 19 2.07 -22.63 16.49
N GLU A 20 0.99 -23.12 17.09
CA GLU A 20 0.30 -24.32 16.62
C GLU A 20 -1.04 -23.91 16.01
N VAL A 21 -1.41 -24.57 14.91
CA VAL A 21 -2.66 -24.27 14.21
C VAL A 21 -3.18 -25.55 13.56
N ALA A 22 -4.46 -25.54 13.22
CA ALA A 22 -5.06 -26.66 12.51
C ALA A 22 -4.63 -26.65 11.04
N ALA A 23 -4.40 -27.85 10.49
CA ALA A 23 -3.94 -27.94 9.12
C ALA A 23 -4.89 -27.23 8.17
N ASP A 24 -6.19 -27.24 8.47
CA ASP A 24 -7.20 -26.59 7.64
C ASP A 24 -7.26 -25.09 7.85
N ALA A 25 -6.29 -24.51 8.56
CA ALA A 25 -6.28 -23.09 8.85
C ALA A 25 -5.62 -22.31 7.71
N ARG A 26 -5.83 -21.00 7.72
CA ARG A 26 -5.19 -20.09 6.80
C ARG A 26 -4.16 -19.25 7.55
N VAL A 27 -3.34 -18.52 6.79
CA VAL A 27 -2.33 -17.65 7.38
C VAL A 27 -2.98 -16.58 8.24
N ARG A 28 -4.26 -16.28 8.01
CA ARG A 28 -4.97 -15.32 8.87
C ARG A 28 -4.92 -15.77 10.32
N ASP A 29 -5.12 -17.07 10.56
CA ASP A 29 -5.20 -17.56 11.93
C ASP A 29 -3.84 -17.54 12.61
N ALA A 30 -2.79 -17.96 11.89
CA ALA A 30 -1.45 -17.97 12.47
C ALA A 30 -1.02 -16.57 12.89
N ILE A 31 -1.24 -15.58 12.01
CA ILE A 31 -0.85 -14.22 12.33
C ILE A 31 -1.74 -13.60 13.40
N ALA A 32 -2.97 -14.09 13.55
CA ALA A 32 -3.82 -13.63 14.63
C ALA A 32 -3.31 -14.11 15.99
N LEU A 33 -2.63 -15.26 16.01
CA LEU A 33 -2.08 -15.78 17.25
C LEU A 33 -0.86 -15.00 17.73
N ALA A 34 -0.21 -14.26 16.84
CA ALA A 34 0.98 -13.50 17.20
C ALA A 34 0.68 -12.02 17.46
N GLY A 35 -0.58 -11.68 17.69
CA GLY A 35 -0.95 -10.30 17.91
C GLY A 35 -1.08 -9.48 16.65
N GLY A 36 -1.18 -10.12 15.49
CA GLY A 36 -1.38 -9.40 14.24
C GLY A 36 -0.16 -8.62 13.81
N LEU A 37 -0.29 -8.01 12.63
CA LEU A 37 0.80 -7.23 12.05
C LEU A 37 1.05 -5.98 12.90
N THR A 38 2.09 -5.24 12.52
CA THR A 38 2.47 -4.01 13.17
C THR A 38 2.40 -2.85 12.17
N ASP A 39 2.69 -1.64 12.66
CA ASP A 39 2.60 -0.46 11.82
C ASP A 39 3.60 -0.48 10.68
N GLU A 40 4.63 -1.32 10.75
CA GLU A 40 5.70 -1.34 9.77
C GLU A 40 5.65 -2.56 8.86
N ALA A 41 4.60 -3.36 8.94
CA ALA A 41 4.50 -4.56 8.12
C ALA A 41 4.07 -4.19 6.71
N ASP A 42 4.79 -4.72 5.72
CA ASP A 42 4.42 -4.55 4.31
C ASP A 42 3.27 -5.50 4.03
N GLU A 43 2.04 -5.04 4.28
CA GLU A 43 0.88 -5.91 4.14
C GLU A 43 0.76 -6.48 2.73
N THR A 44 1.37 -5.84 1.74
CA THR A 44 1.32 -6.36 0.37
C THR A 44 2.18 -7.61 0.18
N LYS A 45 2.95 -8.01 1.19
CA LYS A 45 3.82 -9.18 1.10
C LYS A 45 3.30 -10.35 1.92
N VAL A 46 2.04 -10.30 2.37
CA VAL A 46 1.47 -11.35 3.20
C VAL A 46 0.06 -11.66 2.69
N ASN A 47 -0.18 -12.92 2.34
CA ASN A 47 -1.50 -13.38 1.92
C ASN A 47 -2.12 -14.12 3.09
N LEU A 48 -3.17 -13.53 3.67
CA LEU A 48 -3.87 -14.14 4.79
C LEU A 48 -4.89 -15.18 4.34
N ALA A 49 -5.20 -15.22 3.04
CA ALA A 49 -6.07 -16.26 2.50
C ALA A 49 -5.31 -17.52 2.14
N ALA A 50 -4.00 -17.56 2.37
CA ALA A 50 -3.18 -18.69 1.99
C ALA A 50 -3.34 -19.84 2.98
N LYS A 51 -3.27 -21.06 2.45
CA LYS A 51 -3.31 -22.24 3.28
C LYS A 51 -2.00 -22.43 4.01
N VAL A 52 -2.06 -23.06 5.19
CA VAL A 52 -0.91 -23.28 6.04
C VAL A 52 -0.61 -24.77 6.07
N HIS A 53 0.68 -25.11 6.11
CA HIS A 53 1.14 -26.48 6.21
C HIS A 53 2.13 -26.59 7.37
N ASP A 54 2.41 -27.81 7.78
CA ASP A 54 3.30 -28.05 8.89
C ASP A 54 4.73 -27.71 8.51
N GLU A 55 5.51 -27.31 9.51
CA GLU A 55 6.88 -26.84 9.35
C GLU A 55 6.97 -25.56 8.55
N MET A 56 5.84 -24.88 8.32
CA MET A 56 5.82 -23.69 7.48
C MET A 56 6.37 -22.49 8.24
N MET A 57 7.20 -21.70 7.55
CA MET A 57 7.70 -20.44 8.09
C MET A 57 6.94 -19.30 7.44
N ILE A 58 6.46 -18.38 8.27
CA ILE A 58 5.68 -17.23 7.82
C ILE A 58 6.47 -15.99 8.20
N TYR A 59 7.14 -15.38 7.23
CA TYR A 59 7.92 -14.18 7.43
C TYR A 59 7.17 -12.97 6.88
N VAL A 60 6.97 -11.96 7.73
CA VAL A 60 6.28 -10.73 7.35
C VAL A 60 7.33 -9.64 7.20
N PRO A 61 7.67 -9.23 5.98
CA PRO A 61 8.71 -8.21 5.81
C PRO A 61 8.20 -6.81 6.12
N LYS A 62 9.15 -5.95 6.47
CA LYS A 62 8.86 -4.55 6.75
C LYS A 62 8.87 -3.73 5.47
N LYS A 63 8.34 -2.51 5.56
CA LYS A 63 8.33 -1.61 4.42
C LYS A 63 9.73 -1.04 4.21
N GLY A 64 10.25 -1.21 3.00
CA GLY A 64 11.61 -0.81 2.68
C GLY A 64 12.56 -1.96 2.45
N GLU A 65 12.14 -3.18 2.77
CA GLU A 65 12.97 -4.36 2.55
C GLU A 65 12.92 -4.78 1.08
N LYS B 3 -16.23 -25.08 -4.85
CA LYS B 3 -16.74 -23.98 -5.67
C LYS B 3 -16.73 -22.65 -4.90
N THR B 4 -16.03 -22.63 -3.76
CA THR B 4 -15.95 -21.46 -2.89
C THR B 4 -14.50 -21.01 -2.80
N ALA B 5 -14.30 -19.70 -2.61
CA ALA B 5 -12.98 -19.11 -2.60
C ALA B 5 -12.80 -18.24 -1.35
N VAL B 6 -11.60 -18.32 -0.78
CA VAL B 6 -11.19 -17.45 0.33
C VAL B 6 -10.17 -16.47 -0.22
N VAL B 7 -10.45 -15.18 -0.07
CA VAL B 7 -9.64 -14.13 -0.65
C VAL B 7 -9.29 -13.12 0.44
N ASP B 8 -8.10 -12.53 0.32
CA ASP B 8 -7.61 -11.51 1.24
C ASP B 8 -7.77 -10.17 0.53
N VAL B 9 -8.91 -9.52 0.76
CA VAL B 9 -9.18 -8.21 0.17
C VAL B 9 -8.63 -7.16 1.13
N LYS B 10 -7.55 -6.48 0.71
CA LYS B 10 -6.90 -5.49 1.53
C LYS B 10 -6.58 -4.27 0.68
N GLY B 11 -5.95 -3.28 1.32
CA GLY B 11 -5.59 -2.05 0.64
C GLY B 11 -6.55 -0.92 0.95
N ALA B 12 -6.83 -0.08 -0.04
CA ALA B 12 -7.72 1.06 0.14
C ALA B 12 -9.16 0.64 -0.08
N VAL B 13 -9.61 -0.29 0.77
CA VAL B 13 -10.99 -0.73 0.80
C VAL B 13 -11.59 -0.34 2.15
N ALA B 14 -12.91 -0.25 2.20
CA ALA B 14 -13.60 0.23 3.39
C ALA B 14 -13.40 -0.72 4.57
N ASN B 15 -13.63 -2.01 4.36
CA ASN B 15 -13.51 -3.02 5.41
C ASN B 15 -12.57 -4.12 4.93
N PRO B 16 -11.26 -3.96 5.14
CA PRO B 16 -10.32 -5.01 4.71
C PRO B 16 -10.41 -6.23 5.60
N GLY B 17 -10.38 -7.40 4.97
CA GLY B 17 -10.42 -8.64 5.72
C GLY B 17 -10.26 -9.84 4.81
N VAL B 18 -10.54 -11.01 5.36
CA VAL B 18 -10.48 -12.27 4.63
C VAL B 18 -11.93 -12.76 4.47
N TYR B 19 -12.43 -12.73 3.24
CA TYR B 19 -13.82 -13.05 2.94
C TYR B 19 -13.92 -14.41 2.26
N GLU B 20 -15.16 -14.92 2.23
CA GLU B 20 -15.50 -16.16 1.56
C GLU B 20 -16.56 -15.86 0.53
N VAL B 21 -16.29 -16.20 -0.73
CA VAL B 21 -17.17 -15.90 -1.85
C VAL B 21 -17.17 -17.08 -2.81
N ALA B 22 -17.94 -16.95 -3.88
CA ALA B 22 -18.04 -17.99 -4.88
C ALA B 22 -16.93 -17.87 -5.91
N ALA B 23 -16.43 -19.01 -6.39
CA ALA B 23 -15.32 -18.99 -7.33
C ALA B 23 -15.67 -18.23 -8.61
N ASP B 24 -16.95 -18.15 -8.95
CA ASP B 24 -17.38 -17.39 -10.11
C ASP B 24 -17.50 -15.89 -9.83
N ALA B 25 -17.10 -15.45 -8.64
CA ALA B 25 -17.09 -14.03 -8.34
C ALA B 25 -15.91 -13.34 -9.03
N ARG B 26 -15.97 -12.02 -9.11
CA ARG B 26 -14.94 -11.23 -9.74
C ARG B 26 -14.51 -10.10 -8.81
N VAL B 27 -13.33 -9.54 -9.10
CA VAL B 27 -12.69 -8.61 -8.17
C VAL B 27 -13.65 -7.52 -7.71
N ARG B 28 -14.56 -7.08 -8.58
CA ARG B 28 -15.52 -6.06 -8.17
C ARG B 28 -16.42 -6.57 -7.04
N ASP B 29 -16.89 -7.82 -7.15
CA ASP B 29 -17.79 -8.35 -6.14
C ASP B 29 -17.08 -8.41 -4.78
N ALA B 30 -15.83 -8.86 -4.75
CA ALA B 30 -15.10 -8.93 -3.50
C ALA B 30 -14.92 -7.56 -2.88
N ILE B 31 -14.64 -6.54 -3.72
CA ILE B 31 -14.49 -5.19 -3.21
C ILE B 31 -15.83 -4.64 -2.76
N ALA B 32 -16.91 -4.98 -3.47
CA ALA B 32 -18.23 -4.56 -3.04
C ALA B 32 -18.56 -5.14 -1.68
N LEU B 33 -18.33 -6.44 -1.48
CA LEU B 33 -18.53 -7.04 -0.18
C LEU B 33 -17.69 -6.34 0.89
N ALA B 34 -16.47 -5.93 0.53
CA ALA B 34 -15.58 -5.25 1.46
C ALA B 34 -16.00 -3.81 1.75
N GLY B 35 -17.05 -3.30 1.11
CA GLY B 35 -17.58 -1.99 1.42
C GLY B 35 -17.15 -0.87 0.51
N GLY B 36 -16.55 -1.17 -0.64
CA GLY B 36 -16.14 -0.15 -1.57
C GLY B 36 -14.70 0.29 -1.37
N LEU B 37 -14.39 1.43 -1.98
CA LEU B 37 -13.05 2.00 -1.93
C LEU B 37 -13.00 3.18 -0.96
N THR B 38 -11.87 3.33 -0.28
CA THR B 38 -11.66 4.49 0.57
C THR B 38 -11.34 5.71 -0.30
N ASP B 39 -11.37 6.89 0.34
CA ASP B 39 -11.17 8.13 -0.39
C ASP B 39 -9.76 8.28 -0.94
N GLU B 40 -8.84 7.37 -0.60
CA GLU B 40 -7.46 7.43 -1.06
C GLU B 40 -7.12 6.34 -2.06
N ALA B 41 -8.07 5.47 -2.40
CA ALA B 41 -7.81 4.38 -3.33
C ALA B 41 -7.52 4.92 -4.72
N ASP B 42 -7.00 4.04 -5.57
CA ASP B 42 -6.73 4.31 -6.99
C ASP B 42 -7.25 3.13 -7.78
N GLU B 43 -8.54 3.18 -8.16
CA GLU B 43 -9.12 2.09 -8.92
C GLU B 43 -8.50 1.96 -10.31
N THR B 44 -7.75 2.97 -10.74
CA THR B 44 -7.06 2.91 -12.04
C THR B 44 -6.24 1.63 -12.16
N LYS B 45 -5.53 1.25 -11.10
CA LYS B 45 -4.60 0.13 -11.14
C LYS B 45 -5.21 -1.13 -10.53
N VAL B 46 -6.50 -1.36 -10.77
CA VAL B 46 -7.18 -2.57 -10.32
C VAL B 46 -8.01 -3.11 -11.48
N ASN B 47 -8.00 -4.43 -11.65
CA ASN B 47 -8.76 -5.09 -12.70
C ASN B 47 -10.04 -5.62 -12.09
N LEU B 48 -11.09 -4.80 -12.14
CA LEU B 48 -12.36 -5.16 -11.52
C LEU B 48 -13.04 -6.34 -12.20
N ALA B 49 -12.60 -6.70 -13.41
CA ALA B 49 -13.21 -7.78 -14.16
C ALA B 49 -12.51 -9.12 -13.96
N ALA B 50 -11.32 -9.13 -13.36
CA ALA B 50 -10.57 -10.36 -13.20
C ALA B 50 -11.31 -11.33 -12.29
N LYS B 51 -11.21 -12.62 -12.60
CA LYS B 51 -11.92 -13.64 -11.85
C LYS B 51 -11.25 -13.90 -10.51
N VAL B 52 -12.01 -14.47 -9.60
CA VAL B 52 -11.56 -14.79 -8.25
C VAL B 52 -11.15 -16.26 -8.20
N HIS B 53 -10.02 -16.53 -7.54
CA HIS B 53 -9.58 -17.88 -7.25
C HIS B 53 -9.27 -17.99 -5.77
N ASP B 54 -9.40 -19.19 -5.23
CA ASP B 54 -9.12 -19.41 -3.82
C ASP B 54 -7.66 -19.05 -3.52
N GLU B 55 -7.45 -18.55 -2.30
CA GLU B 55 -6.14 -18.09 -1.82
C GLU B 55 -5.68 -16.81 -2.50
N MET B 56 -6.58 -16.09 -3.16
CA MET B 56 -6.18 -14.90 -3.90
C MET B 56 -6.05 -13.69 -2.96
N MET B 57 -5.14 -12.80 -3.33
CA MET B 57 -4.89 -11.56 -2.60
C MET B 57 -5.30 -10.39 -3.48
N ILE B 58 -6.23 -9.58 -3.02
CA ILE B 58 -6.72 -8.42 -3.75
C ILE B 58 -6.21 -7.19 -3.03
N TYR B 59 -5.22 -6.51 -3.62
CA TYR B 59 -4.67 -5.29 -3.08
C TYR B 59 -5.14 -4.11 -3.91
N VAL B 60 -5.63 -3.06 -3.25
CA VAL B 60 -6.07 -1.83 -3.89
C VAL B 60 -5.12 -0.72 -3.43
N PRO B 61 -4.24 -0.24 -4.30
CA PRO B 61 -3.28 0.79 -3.88
C PRO B 61 -3.94 2.16 -3.78
N LYS B 62 -3.20 3.09 -3.18
CA LYS B 62 -3.62 4.45 -2.96
C LYS B 62 -2.90 5.39 -3.93
N LYS B 63 -3.52 6.53 -4.21
CA LYS B 63 -2.89 7.51 -5.09
C LYS B 63 -1.50 7.83 -4.56
N GLY B 64 -0.52 7.72 -5.45
CA GLY B 64 0.88 7.63 -5.05
C GLY B 64 1.35 6.22 -5.32
N GLU B 65 2.00 5.60 -4.34
CA GLU B 65 2.38 4.19 -4.44
C GLU B 65 2.89 3.80 -5.83
N GLY B 84 4.20 6.54 -1.69
CA GLY B 84 5.34 5.87 -2.30
C GLY B 84 5.98 6.69 -3.40
N MET B 85 5.24 6.90 -4.49
CA MET B 85 5.71 7.67 -5.64
C MET B 85 5.39 9.14 -5.53
N GLN B 86 5.37 9.69 -4.31
CA GLN B 86 5.05 11.10 -4.07
C GLN B 86 6.23 11.75 -3.37
N VAL B 87 6.70 12.86 -3.92
CA VAL B 87 7.81 13.61 -3.33
C VAL B 87 7.23 14.72 -2.47
N ALA B 88 7.57 14.70 -1.17
CA ALA B 88 7.15 15.74 -0.25
C ALA B 88 7.96 17.00 -0.54
N ILE B 89 7.34 17.95 -1.23
CA ILE B 89 8.08 19.14 -1.68
C ILE B 89 8.68 19.89 -0.50
N ASN B 90 8.02 19.86 0.67
CA ASN B 90 8.49 20.65 1.80
C ASN B 90 9.71 20.03 2.48
N THR B 91 9.85 18.70 2.42
CA THR B 91 10.93 18.00 3.11
C THR B 91 11.78 17.17 2.16
N ALA B 92 11.76 17.48 0.87
CA ALA B 92 12.55 16.73 -0.09
C ALA B 92 13.96 17.31 -0.18
N THR B 93 14.81 16.60 -0.91
CA THR B 93 16.17 17.03 -1.21
C THR B 93 16.26 17.41 -2.68
N GLU B 94 17.35 18.09 -3.04
CA GLU B 94 17.56 18.44 -4.44
C GLU B 94 17.57 17.20 -5.31
N GLU B 95 18.17 16.11 -4.81
CA GLU B 95 18.20 14.88 -5.59
C GLU B 95 16.80 14.30 -5.76
N GLU B 96 15.99 14.34 -4.71
CA GLU B 96 14.63 13.81 -4.80
C GLU B 96 13.74 14.73 -5.61
N LEU B 97 13.92 16.04 -5.47
CA LEU B 97 13.09 17.00 -6.21
C LEU B 97 13.31 16.87 -7.70
N MET B 98 14.57 16.86 -8.14
CA MET B 98 14.86 16.78 -9.56
C MET B 98 14.58 15.41 -10.15
N GLN B 99 14.06 14.47 -9.35
CA GLN B 99 13.63 13.18 -9.88
C GLN B 99 12.29 13.26 -10.60
N LEU B 100 11.60 14.39 -10.53
CA LEU B 100 10.29 14.56 -11.16
C LEU B 100 10.46 15.16 -12.54
N PRO B 101 9.40 15.15 -13.36
CA PRO B 101 9.49 15.74 -14.70
C PRO B 101 9.87 17.21 -14.66
N GLY B 102 10.72 17.63 -15.60
CA GLY B 102 11.09 19.02 -15.72
C GLY B 102 12.06 19.55 -14.69
N ILE B 103 11.83 19.24 -13.42
CA ILE B 103 12.66 19.80 -12.36
C ILE B 103 14.10 19.32 -12.53
N GLY B 104 15.03 20.27 -12.67
CA GLY B 104 16.43 19.98 -12.71
C GLY B 104 17.19 20.85 -11.73
N PRO B 105 18.52 20.67 -11.67
CA PRO B 105 19.34 21.42 -10.72
C PRO B 105 18.83 22.80 -10.32
N ALA B 106 18.71 23.72 -11.29
CA ALA B 106 18.35 25.09 -10.95
C ALA B 106 16.87 25.22 -10.59
N LYS B 107 16.00 24.46 -11.23
CA LYS B 107 14.59 24.50 -10.86
C LYS B 107 14.34 23.81 -9.52
N ALA B 108 15.11 22.76 -9.21
CA ALA B 108 14.97 22.11 -7.92
C ALA B 108 15.54 22.96 -6.80
N ASN B 109 16.65 23.67 -7.06
CA ASN B 109 17.29 24.49 -6.05
C ASN B 109 16.57 25.80 -5.79
N ALA B 110 15.67 26.22 -6.69
CA ALA B 110 14.82 27.38 -6.43
C ALA B 110 13.59 27.01 -5.61
N ILE B 111 13.05 25.80 -5.81
CA ILE B 111 11.98 25.31 -4.94
C ILE B 111 12.51 25.16 -3.52
N ILE B 112 13.76 24.74 -3.37
CA ILE B 112 14.35 24.60 -2.05
C ILE B 112 14.69 25.97 -1.46
N ALA B 113 15.12 26.90 -2.31
CA ALA B 113 15.38 28.26 -1.82
C ALA B 113 14.10 28.92 -1.33
N TYR B 114 12.99 28.75 -2.06
CA TYR B 114 11.71 29.29 -1.61
C TYR B 114 11.23 28.60 -0.34
N ARG B 115 11.52 27.30 -0.20
CA ARG B 115 11.21 26.59 1.04
C ARG B 115 11.79 27.30 2.24
N GLU B 116 13.06 27.70 2.14
CA GLU B 116 13.78 28.26 3.28
C GLU B 116 13.57 29.76 3.44
N GLU B 117 13.30 30.47 2.34
CA GLU B 117 13.13 31.92 2.42
C GLU B 117 11.71 32.28 2.83
N HIS B 118 10.75 32.09 1.92
CA HIS B 118 9.36 32.48 2.14
C HIS B 118 8.52 31.38 2.78
N GLY B 119 9.15 30.44 3.48
CA GLY B 119 8.43 29.45 4.24
C GLY B 119 8.02 28.24 3.42
N PRO B 120 7.44 27.24 4.08
CA PRO B 120 7.00 26.03 3.38
C PRO B 120 5.73 26.28 2.57
N PHE B 121 5.44 25.34 1.67
CA PHE B 121 4.32 25.47 0.74
C PHE B 121 3.04 24.96 1.42
N ARG B 122 1.97 25.75 1.32
CA ARG B 122 0.68 25.36 1.91
C ARG B 122 -0.06 24.36 1.03
N ARG B 123 -0.18 24.66 -0.26
CA ARG B 123 -0.92 23.85 -1.23
C ARG B 123 -0.03 23.59 -2.44
N VAL B 124 -0.55 22.80 -3.38
CA VAL B 124 0.21 22.52 -4.60
C VAL B 124 0.35 23.77 -5.45
N GLU B 125 -0.60 24.71 -5.35
CA GLU B 125 -0.54 25.92 -6.14
C GLU B 125 0.54 26.89 -5.66
N ASP B 126 1.12 26.67 -4.49
CA ASP B 126 2.17 27.56 -4.00
C ASP B 126 3.45 27.45 -4.83
N LEU B 127 3.62 26.35 -5.58
CA LEU B 127 4.78 26.24 -6.45
C LEU B 127 4.80 27.31 -7.54
N LEU B 128 3.63 27.87 -7.87
CA LEU B 128 3.58 28.89 -8.91
C LEU B 128 4.31 30.17 -8.51
N ASN B 129 4.54 30.39 -7.22
CA ASN B 129 5.28 31.56 -6.77
C ASN B 129 6.79 31.40 -6.93
N VAL B 130 7.26 30.22 -7.32
CA VAL B 130 8.69 29.97 -7.48
C VAL B 130 9.09 30.32 -8.91
N THR B 131 10.30 30.84 -9.07
CA THR B 131 10.80 31.25 -10.37
C THR B 131 11.20 30.02 -11.18
N GLY B 132 10.61 29.87 -12.36
CA GLY B 132 10.85 28.72 -13.22
C GLY B 132 9.71 27.73 -13.24
N ILE B 133 8.89 27.68 -12.20
CA ILE B 133 7.72 26.82 -12.14
C ILE B 133 6.52 27.69 -12.49
N GLY B 134 6.09 27.63 -13.75
CA GLY B 134 4.90 28.30 -14.20
C GLY B 134 3.69 27.38 -14.19
N GLU B 135 2.61 27.84 -14.82
CA GLU B 135 1.39 27.04 -14.89
C GLU B 135 1.63 25.78 -15.72
N LYS B 136 2.33 25.90 -16.84
CA LYS B 136 2.63 24.74 -17.67
C LYS B 136 3.42 23.70 -16.88
N THR B 137 4.45 24.15 -16.16
CA THR B 137 5.29 23.22 -15.40
C THR B 137 4.48 22.51 -14.32
N LEU B 138 3.69 23.27 -13.56
CA LEU B 138 2.96 22.69 -12.43
C LEU B 138 1.99 21.60 -12.88
N GLU B 139 1.47 21.69 -14.10
CA GLU B 139 0.45 20.74 -14.54
C GLU B 139 1.03 19.34 -14.74
N LYS B 140 2.25 19.25 -15.28
CA LYS B 140 2.90 17.97 -15.45
C LYS B 140 3.52 17.45 -14.16
N LEU B 141 3.24 18.10 -13.03
CA LEU B 141 3.82 17.75 -11.76
C LEU B 141 2.80 17.44 -10.66
N LYS B 142 1.55 17.87 -10.82
CA LYS B 142 0.58 17.79 -9.73
C LYS B 142 0.44 16.39 -9.12
N PRO B 143 0.28 15.31 -9.90
CA PRO B 143 -0.05 14.01 -9.28
C PRO B 143 1.10 13.37 -8.52
N TYR B 144 2.33 13.86 -8.67
CA TYR B 144 3.47 13.26 -8.00
C TYR B 144 3.89 14.03 -6.74
N LEU B 145 3.05 14.94 -6.26
CA LEU B 145 3.41 15.80 -5.14
C LEU B 145 2.72 15.36 -3.86
N LEU B 146 3.20 15.90 -2.74
CA LEU B 146 2.64 15.64 -1.42
C LEU B 146 2.91 16.90 -0.59
N VAL B 147 1.96 17.84 -0.65
CA VAL B 147 2.10 19.12 0.03
C VAL B 147 1.33 19.09 1.33
N PRO B 148 1.98 18.82 2.47
CA PRO B 148 1.36 18.88 3.79
C PRO B 148 0.30 19.96 3.94
#